data_2FXU
#
_entry.id   2FXU
#
_cell.length_a   60.125
_cell.length_b   56.513
_cell.length_c   101.652
_cell.angle_alpha   90.00
_cell.angle_beta   94.56
_cell.angle_gamma   90.00
#
_symmetry.space_group_name_H-M   'C 1 2 1'
#
loop_
_entity.id
_entity.type
_entity.pdbx_description
1 polymer 'Actin, alpha skeletal muscle'
2 non-polymer 'CALCIUM ION'
3 non-polymer "ADENOSINE-5'-TRIPHOSPHATE"
4 non-polymer 'BISTRAMIDE A'
5 water water
#
_entity_poly.entity_id   1
_entity_poly.type   'polypeptide(L)'
_entity_poly.pdbx_seq_one_letter_code
;DEDETTALVCDNGSGLVKAGFAGDDAPRAVFPSIVGRPRHQGVMVGMGQKDSYVGDEAQSKRGILTLKYPIE(HIC)GII
TNWDDMEKIWHHTFYNELRVAPEEHPTLLTEAPLNPKANREKMTQIMFETFNVPAMYVAIQAVLSLYASGRTTGIVLDSG
DGVTHNVPIYEGYALPHAIMRLDLAGRDLTDYLMKILTERGYSFVTTAEREIVRDIKEKLCYVALDFENEMATAASSSSL
EKSYELPDGQVITIGNERFRCPETLFQPSFIGMESAGIHETTYNSIMKCDIDIRKDLYANNVMSGGTTMYPGIADRMQKE
ITALAPSTMKIKIIAPPERKYSVWIGGSILASLSTFQQMWITKQEYDEAGPSIVHRKCF
;
_entity_poly.pdbx_strand_id   A
#
loop_
_chem_comp.id
_chem_comp.type
_chem_comp.name
_chem_comp.formula
ATP non-polymer ADENOSINE-5'-TRIPHOSPHATE 'C10 H16 N5 O13 P3'
BID non-polymer 'BISTRAMIDE A' 'C40 H68 N2 O8'
CA non-polymer 'CALCIUM ION' 'Ca 2'
#
# COMPACT_ATOMS: atom_id res chain seq x y z
N GLU A 4 6.14 4.65 28.71
CA GLU A 4 5.87 5.98 28.10
C GLU A 4 4.36 6.07 27.82
N THR A 5 3.93 6.94 26.91
CA THR A 5 2.50 7.26 26.79
C THR A 5 1.92 7.29 25.38
N THR A 6 2.68 7.77 24.40
CA THR A 6 2.12 8.14 23.10
C THR A 6 1.50 6.93 22.38
N ALA A 7 0.31 7.11 21.79
CA ALA A 7 -0.33 6.03 21.01
C ALA A 7 0.47 5.75 19.76
N LEU A 8 0.46 4.50 19.34
CA LEU A 8 1.24 4.04 18.22
C LEU A 8 0.29 3.80 17.05
N VAL A 9 0.83 3.96 15.85
CA VAL A 9 0.09 3.67 14.63
C VAL A 9 0.98 2.75 13.82
N CYS A 10 0.46 1.57 13.52
CA CYS A 10 1.19 0.59 12.74
C CYS A 10 0.33 0.18 11.57
N ASP A 11 0.83 0.49 10.38
CA ASP A 11 0.15 0.25 9.12
C ASP A 11 0.93 -0.83 8.40
N ASN A 12 0.46 -2.06 8.50
CA ASN A 12 1.16 -3.18 7.95
C ASN A 12 0.68 -3.47 6.55
N GLY A 13 1.64 -3.43 5.66
CA GLY A 13 1.39 -3.71 4.24
C GLY A 13 2.07 -4.94 3.73
N SER A 14 1.74 -5.36 2.51
CA SER A 14 2.34 -6.52 1.90
C SER A 14 3.84 -6.35 1.73
N GLY A 15 4.27 -5.16 1.37
CA GLY A 15 5.67 -4.90 1.14
C GLY A 15 6.38 -4.14 2.25
N LEU A 16 5.74 -3.13 2.81
CA LEU A 16 6.33 -2.26 3.82
C LEU A 16 5.46 -2.11 5.05
N VAL A 17 6.13 -2.08 6.21
CA VAL A 17 5.52 -1.68 7.45
C VAL A 17 5.79 -0.19 7.61
N LYS A 18 4.75 0.56 7.91
CA LYS A 18 4.88 1.97 8.22
C LYS A 18 4.43 2.08 9.67
N ALA A 19 5.35 2.45 10.56
CA ALA A 19 5.05 2.54 12.01
C ALA A 19 5.53 3.85 12.58
N GLY A 20 4.86 4.26 13.63
CA GLY A 20 5.28 5.49 14.29
C GLY A 20 4.31 5.90 15.38
N PHE A 21 4.43 7.16 15.77
CA PHE A 21 3.70 7.70 16.90
C PHE A 21 2.57 8.60 16.43
N ALA A 22 1.38 8.40 16.99
CA ALA A 22 0.24 9.23 16.65
C ALA A 22 0.61 10.66 16.95
N GLY A 23 0.31 11.56 16.00
CA GLY A 23 0.65 12.95 16.12
C GLY A 23 1.86 13.35 15.32
N ASP A 24 2.70 12.38 14.92
CA ASP A 24 3.77 12.71 13.96
C ASP A 24 3.15 12.91 12.58
N ASP A 25 3.85 13.57 11.69
CA ASP A 25 3.24 13.81 10.39
C ASP A 25 3.68 12.80 9.32
N ALA A 26 4.57 11.87 9.67
CA ALA A 26 4.93 10.72 8.85
C ALA A 26 5.41 9.60 9.75
N PRO A 27 5.36 8.35 9.26
CA PRO A 27 5.90 7.25 10.02
C PRO A 27 7.43 7.32 10.10
N ARG A 28 7.95 7.21 11.30
CA ARG A 28 9.40 7.29 11.50
C ARG A 28 10.10 5.98 11.22
N ALA A 29 9.34 4.88 11.18
CA ALA A 29 9.91 3.59 10.87
C ALA A 29 9.19 3.05 9.65
N VAL A 30 9.93 2.91 8.58
CA VAL A 30 9.42 2.33 7.35
C VAL A 30 10.43 1.28 6.93
N PHE A 31 9.98 0.03 6.84
CA PHE A 31 10.90 -1.07 6.56
C PHE A 31 10.16 -2.21 5.89
N PRO A 32 10.90 -3.07 5.16
CA PRO A 32 10.29 -4.20 4.47
C PRO A 32 9.58 -5.18 5.39
N SER A 33 8.37 -5.58 5.02
CA SER A 33 7.56 -6.54 5.74
C SER A 33 8.06 -7.93 5.41
N ILE A 34 9.25 -8.23 5.89
CA ILE A 34 9.88 -9.54 5.64
C ILE A 34 10.46 -10.06 6.96
N VAL A 35 10.33 -11.37 7.15
CA VAL A 35 10.91 -12.04 8.30
C VAL A 35 11.79 -13.13 7.78
N GLY A 36 13.01 -13.19 8.31
CA GLY A 36 13.97 -14.18 7.89
C GLY A 36 14.36 -15.07 9.07
N ARG A 37 14.35 -16.38 8.84
CA ARG A 37 14.84 -17.33 9.83
C ARG A 37 16.01 -18.06 9.21
N PRO A 38 16.94 -18.56 10.03
CA PRO A 38 18.17 -19.19 9.53
C PRO A 38 18.02 -20.28 8.47
N ARG A 39 18.77 -20.13 7.36
CA ARG A 39 19.11 -21.25 6.49
C ARG A 39 20.12 -22.11 7.18
N HIS A 40 20.43 -23.26 6.57
CA HIS A 40 21.46 -24.13 7.07
C HIS A 40 22.78 -23.39 7.33
N GLN A 41 23.17 -22.50 6.43
CA GLN A 41 24.43 -21.76 6.61
C GLN A 41 24.36 -20.83 7.81
N GLY A 42 23.21 -20.15 7.94
CA GLY A 42 22.89 -19.43 9.16
C GLY A 42 23.11 -20.35 10.36
N VAL A 43 22.54 -21.56 10.28
CA VAL A 43 22.81 -22.66 11.22
C VAL A 43 21.68 -22.81 12.23
N ASP A 51 17.70 -16.22 15.89
CA ASP A 51 16.56 -17.05 15.58
C ASP A 51 15.64 -16.42 14.53
N SER A 52 15.47 -15.10 14.56
CA SER A 52 14.69 -14.41 13.50
C SER A 52 15.13 -12.96 13.31
N TYR A 53 15.01 -12.49 12.07
CA TYR A 53 15.38 -11.14 11.70
C TYR A 53 14.23 -10.54 10.91
N VAL A 54 14.11 -9.22 11.01
CA VAL A 54 12.98 -8.53 10.39
C VAL A 54 13.47 -7.29 9.67
N GLY A 55 12.87 -7.00 8.51
CA GLY A 55 13.02 -5.70 7.90
C GLY A 55 14.34 -5.46 7.25
N ASP A 56 14.92 -4.30 7.50
CA ASP A 56 16.17 -3.92 6.85
C ASP A 56 17.30 -4.93 7.14
N GLU A 57 17.35 -5.42 8.38
CA GLU A 57 18.39 -6.36 8.77
C GLU A 57 18.15 -7.72 8.10
N ALA A 58 16.89 -8.14 8.03
CA ALA A 58 16.53 -9.36 7.31
C ALA A 58 16.94 -9.18 5.86
N GLN A 59 16.62 -8.04 5.28
CA GLN A 59 16.98 -7.74 3.91
C GLN A 59 18.49 -7.85 3.68
N SER A 60 19.28 -7.28 4.59
CA SER A 60 20.73 -7.32 4.42
C SER A 60 21.34 -8.68 4.79
N LYS A 61 20.68 -9.42 5.67
CA LYS A 61 21.14 -10.79 6.00
C LYS A 61 20.43 -11.85 5.17
N ARG A 62 19.53 -11.43 4.28
CA ARG A 62 18.97 -12.37 3.32
C ARG A 62 20.20 -12.94 2.64
N GLY A 63 20.17 -14.22 2.29
CA GLY A 63 21.38 -14.88 1.83
C GLY A 63 21.82 -15.93 2.82
N ILE A 64 21.57 -15.70 4.10
CA ILE A 64 21.66 -16.78 5.09
C ILE A 64 20.37 -16.99 5.85
N LEU A 65 19.28 -16.40 5.34
CA LEU A 65 17.97 -16.53 5.92
C LEU A 65 17.01 -17.05 4.86
N THR A 66 15.94 -17.72 5.32
CA THR A 66 14.78 -17.98 4.47
C THR A 66 13.80 -16.84 4.73
N LEU A 67 13.56 -16.06 3.68
CA LEU A 67 12.79 -14.81 3.76
C LEU A 67 11.37 -15.02 3.30
N LYS A 68 10.45 -14.53 4.11
CA LYS A 68 9.04 -14.73 3.92
C LYS A 68 8.35 -13.39 4.10
N TYR A 69 7.28 -13.18 3.33
CA TYR A 69 6.37 -12.04 3.51
C TYR A 69 5.09 -12.49 4.25
N PRO A 70 4.90 -12.09 5.54
CA PRO A 70 3.69 -12.56 6.21
C PRO A 70 2.35 -11.99 5.80
N ILE A 71 2.35 -10.93 4.97
CA ILE A 71 1.13 -10.38 4.45
C ILE A 71 1.16 -10.57 2.93
N GLU A 72 0.11 -11.18 2.41
CA GLU A 72 -0.03 -11.50 1.01
C GLU A 72 -1.24 -10.80 0.48
N HIC A 73 -1.09 -9.94 -0.50
CA HIC A 73 -2.20 -9.19 -1.10
C HIC A 73 -3.00 -8.49 -0.02
O HIC A 73 -4.23 -8.41 -0.09
CB HIC A 73 -3.09 -10.09 -1.98
CG HIC A 73 -2.29 -10.79 -3.06
ND1 HIC A 73 -1.58 -10.21 -4.07
CD2 HIC A 73 -2.15 -12.15 -3.25
CE1 HIC A 73 -1.00 -11.17 -4.85
NE2 HIC A 73 -1.37 -12.34 -4.33
CZ HIC A 73 -0.97 -13.70 -4.85
N GLY A 74 -2.28 -7.94 0.95
CA GLY A 74 -2.85 -7.13 2.02
C GLY A 74 -3.42 -7.87 3.24
N ILE A 75 -3.51 -9.21 3.17
CA ILE A 75 -4.08 -10.03 4.23
C ILE A 75 -2.95 -10.74 4.97
N ILE A 76 -3.02 -10.67 6.30
CA ILE A 76 -2.06 -11.43 7.12
C ILE A 76 -2.35 -12.91 6.96
N THR A 77 -1.33 -13.67 6.56
CA THR A 77 -1.46 -15.11 6.37
C THR A 77 -0.48 -15.93 7.21
N ASN A 78 0.70 -15.41 7.52
CA ASN A 78 1.66 -16.12 8.39
C ASN A 78 1.74 -15.43 9.75
N TRP A 79 1.00 -15.97 10.70
CA TRP A 79 0.84 -15.30 11.98
C TRP A 79 2.09 -15.33 12.86
N ASP A 80 2.84 -16.43 12.79
CA ASP A 80 4.05 -16.55 13.59
C ASP A 80 5.08 -15.50 13.15
N ASP A 81 5.25 -15.32 11.85
CA ASP A 81 6.16 -14.30 11.33
C ASP A 81 5.57 -12.89 11.56
N MET A 82 4.26 -12.76 11.54
CA MET A 82 3.64 -11.45 11.77
C MET A 82 3.91 -10.99 13.20
N GLU A 83 3.93 -11.96 14.12
CA GLU A 83 4.22 -11.67 15.51
C GLU A 83 5.63 -11.14 15.63
N LYS A 84 6.55 -11.71 14.85
CA LYS A 84 7.92 -11.24 14.78
C LYS A 84 8.01 -9.81 14.24
N ILE A 85 7.21 -9.50 13.22
CA ILE A 85 7.17 -8.13 12.69
C ILE A 85 6.80 -7.11 13.74
N TRP A 86 5.74 -7.41 14.46
CA TRP A 86 5.24 -6.55 15.51
C TRP A 86 6.23 -6.41 16.66
N HIS A 87 6.93 -7.50 17.01
CA HIS A 87 7.92 -7.43 18.06
C HIS A 87 9.05 -6.49 17.63
N HIS A 88 9.53 -6.65 16.41
CA HIS A 88 10.57 -5.79 15.88
C HIS A 88 10.11 -4.34 15.83
N THR A 89 8.86 -4.13 15.41
CA THR A 89 8.29 -2.79 15.35
C THR A 89 8.36 -2.06 16.70
N PHE A 90 7.85 -2.71 17.74
CA PHE A 90 7.83 -2.10 19.07
C PHE A 90 9.22 -1.95 19.66
N TYR A 91 9.94 -3.06 19.71
CA TYR A 91 11.15 -3.13 20.52
C TYR A 91 12.38 -2.59 19.81
N ASN A 92 12.51 -2.84 18.50
CA ASN A 92 13.70 -2.42 17.76
C ASN A 92 13.54 -1.06 17.08
N GLU A 93 12.40 -0.86 16.40
CA GLU A 93 12.16 0.35 15.61
C GLU A 93 11.69 1.52 16.47
N LEU A 94 10.56 1.36 17.13
CA LEU A 94 9.99 2.43 17.94
C LEU A 94 10.65 2.54 19.31
N ARG A 95 11.34 1.49 19.76
CA ARG A 95 11.95 1.45 21.10
C ARG A 95 10.95 1.82 22.17
N VAL A 96 9.85 1.07 22.21
CA VAL A 96 8.83 1.22 23.23
C VAL A 96 8.49 -0.13 23.86
N ALA A 97 7.86 -0.07 25.03
CA ALA A 97 7.28 -1.25 25.64
C ALA A 97 5.81 -1.24 25.22
N PRO A 98 5.36 -2.26 24.48
CA PRO A 98 4.01 -2.17 23.93
C PRO A 98 2.92 -2.12 25.01
N GLU A 99 3.17 -2.70 26.18
CA GLU A 99 2.20 -2.65 27.26
C GLU A 99 1.92 -1.22 27.77
N GLU A 100 2.72 -0.25 27.32
CA GLU A 100 2.57 1.15 27.74
C GLU A 100 1.89 2.07 26.74
N HIS A 101 1.56 1.56 25.55
CA HIS A 101 1.02 2.41 24.47
C HIS A 101 -0.21 1.82 23.78
N PRO A 102 -1.32 2.58 23.72
CA PRO A 102 -2.44 2.16 22.89
C PRO A 102 -1.97 2.07 21.44
N THR A 103 -2.36 1.01 20.75
CA THR A 103 -1.84 0.73 19.41
C THR A 103 -2.96 0.62 18.37
N LEU A 104 -2.91 1.49 17.37
CA LEU A 104 -3.85 1.44 16.25
C LEU A 104 -3.22 0.69 15.11
N LEU A 105 -3.90 -0.36 14.67
CA LEU A 105 -3.46 -1.22 13.56
C LEU A 105 -4.39 -1.02 12.37
N THR A 106 -3.92 -1.39 11.19
CA THR A 106 -4.75 -1.26 9.99
C THR A 106 -4.99 -2.61 9.37
N GLU A 107 -6.05 -2.71 8.56
CA GLU A 107 -6.37 -3.91 7.81
C GLU A 107 -6.84 -3.57 6.40
N ALA A 108 -6.81 -4.57 5.54
CA ALA A 108 -7.30 -4.45 4.18
C ALA A 108 -8.81 -4.41 4.15
N PRO A 109 -9.35 -3.78 3.11
CA PRO A 109 -10.78 -3.89 2.83
C PRO A 109 -11.17 -5.36 2.68
N LEU A 110 -12.36 -5.72 3.17
CA LEU A 110 -12.86 -7.11 3.11
C LEU A 110 -12.00 -8.12 3.88
N ASN A 111 -11.26 -7.66 4.89
CA ASN A 111 -10.49 -8.56 5.72
C ASN A 111 -11.49 -9.43 6.51
N PRO A 112 -11.32 -10.77 6.48
CA PRO A 112 -12.29 -11.60 7.22
C PRO A 112 -12.36 -11.27 8.70
N LYS A 113 -13.53 -11.49 9.31
CA LYS A 113 -13.71 -11.21 10.73
C LYS A 113 -12.77 -12.03 11.60
N ALA A 114 -12.55 -13.30 11.24
CA ALA A 114 -11.63 -14.18 11.99
C ALA A 114 -10.22 -13.64 11.98
N ASN A 115 -9.87 -12.91 10.92
CA ASN A 115 -8.55 -12.33 10.81
C ASN A 115 -8.36 -11.12 11.75
N ARG A 116 -9.31 -10.19 11.77
CA ARG A 116 -9.25 -9.04 12.70
C ARG A 116 -9.22 -9.52 14.16
N GLU A 117 -9.85 -10.65 14.39
CA GLU A 117 -9.88 -11.25 15.72
C GLU A 117 -8.53 -11.81 16.17
N LYS A 118 -7.82 -12.49 15.28
CA LYS A 118 -6.48 -12.95 15.61
C LYS A 118 -5.49 -11.81 15.85
N MET A 119 -5.60 -10.72 15.08
CA MET A 119 -4.79 -9.53 15.32
C MET A 119 -4.98 -9.08 16.77
N THR A 120 -6.25 -9.02 17.16
CA THR A 120 -6.67 -8.54 18.49
C THR A 120 -6.17 -9.45 19.59
N GLN A 121 -6.36 -10.75 19.39
CA GLN A 121 -5.90 -11.76 20.35
C GLN A 121 -4.40 -11.64 20.58
N ILE A 122 -3.64 -11.42 19.53
CA ILE A 122 -2.18 -11.32 19.64
C ILE A 122 -1.70 -10.03 20.32
N MET A 123 -2.33 -8.89 19.99
CA MET A 123 -1.95 -7.63 20.60
C MET A 123 -2.10 -7.69 22.12
N PHE A 124 -3.23 -8.19 22.57
CA PHE A 124 -3.52 -8.32 24.00
C PHE A 124 -2.78 -9.47 24.64
N GLU A 125 -2.83 -10.66 24.05
CA GLU A 125 -2.29 -11.86 24.73
C GLU A 125 -0.77 -12.03 24.60
N THR A 126 -0.18 -11.59 23.47
CA THR A 126 1.28 -11.63 23.32
C THR A 126 1.95 -10.32 23.73
N PHE A 127 1.41 -9.20 23.27
CA PHE A 127 2.03 -7.89 23.51
C PHE A 127 1.49 -7.11 24.71
N ASN A 128 0.34 -7.54 25.25
CA ASN A 128 -0.25 -6.96 26.45
C ASN A 128 -0.49 -5.46 26.32
N VAL A 129 -0.82 -5.01 25.10
CA VAL A 129 -1.12 -3.59 24.92
C VAL A 129 -2.29 -3.18 25.83
N PRO A 130 -2.30 -1.93 26.29
CA PRO A 130 -3.38 -1.45 27.13
C PRO A 130 -4.70 -1.30 26.39
N ALA A 131 -4.60 -1.03 25.09
CA ALA A 131 -5.77 -0.77 24.28
C ALA A 131 -5.35 -0.91 22.83
N MET A 132 -6.31 -1.16 21.97
CA MET A 132 -6.03 -1.15 20.51
C MET A 132 -7.27 -0.94 19.66
N TYR A 133 -7.05 -0.83 18.36
CA TYR A 133 -8.11 -0.57 17.41
C TYR A 133 -7.65 -1.07 16.05
N VAL A 134 -8.57 -1.57 15.24
CA VAL A 134 -8.24 -1.95 13.83
C VAL A 134 -9.09 -1.15 12.84
N ALA A 135 -8.40 -0.41 11.98
CA ALA A 135 -8.99 0.55 11.02
C ALA A 135 -8.73 0.05 9.59
N ILE A 136 -9.70 0.27 8.72
CA ILE A 136 -9.55 -0.08 7.31
C ILE A 136 -8.69 0.94 6.59
N GLN A 137 -7.67 0.42 5.91
CA GLN A 137 -6.64 1.26 5.26
C GLN A 137 -7.21 2.31 4.33
N ALA A 138 -8.02 1.95 3.34
CA ALA A 138 -8.45 2.92 2.35
C ALA A 138 -9.25 4.00 2.99
N VAL A 139 -10.02 3.67 4.03
CA VAL A 139 -10.88 4.68 4.65
C VAL A 139 -10.00 5.68 5.40
N LEU A 140 -8.95 5.20 6.04
CA LEU A 140 -7.96 6.11 6.68
C LEU A 140 -7.34 7.04 5.67
N SER A 141 -7.04 6.56 4.46
CA SER A 141 -6.52 7.49 3.45
C SER A 141 -7.50 8.58 3.06
N LEU A 142 -8.79 8.24 2.97
CA LEU A 142 -9.79 9.28 2.71
C LEU A 142 -9.76 10.31 3.81
N TYR A 143 -9.72 9.84 5.06
CA TYR A 143 -9.71 10.78 6.21
C TYR A 143 -8.48 11.69 6.13
N ALA A 144 -7.35 11.16 5.70
CA ALA A 144 -6.13 11.94 5.67
C ALA A 144 -6.26 13.11 4.70
N SER A 145 -7.14 12.99 3.71
CA SER A 145 -7.39 14.01 2.73
C SER A 145 -8.48 15.00 3.22
N GLY A 146 -9.02 14.82 4.43
CA GLY A 146 -10.05 15.69 4.99
C GLY A 146 -11.47 15.41 4.58
N ARG A 147 -11.72 14.21 4.07
CA ARG A 147 -13.00 13.84 3.50
C ARG A 147 -13.62 12.66 4.22
N THR A 148 -14.95 12.62 4.21
CA THR A 148 -15.71 11.47 4.70
C THR A 148 -16.53 10.79 3.57
N THR A 149 -16.60 11.39 2.38
CA THR A 149 -17.23 10.78 1.21
C THR A 149 -16.29 10.88 0.02
N GLY A 150 -16.10 9.76 -0.68
CA GLY A 150 -15.26 9.73 -1.84
C GLY A 150 -14.96 8.28 -2.19
N ILE A 151 -14.18 8.10 -3.24
CA ILE A 151 -13.75 6.77 -3.66
C ILE A 151 -12.24 6.75 -3.69
N VAL A 152 -11.67 5.80 -2.94
CA VAL A 152 -10.24 5.68 -2.84
C VAL A 152 -9.76 4.59 -3.78
N LEU A 153 -8.68 4.87 -4.49
CA LEU A 153 -7.86 3.86 -5.17
C LEU A 153 -6.60 3.70 -4.33
N ASP A 154 -6.47 2.56 -3.66
CA ASP A 154 -5.33 2.29 -2.80
C ASP A 154 -4.55 1.20 -3.50
N SER A 155 -3.31 1.50 -3.86
CA SER A 155 -2.45 0.57 -4.58
C SER A 155 -1.05 0.54 -3.96
N GLY A 156 -0.68 -0.63 -3.48
CA GLY A 156 0.56 -0.82 -2.76
C GLY A 156 1.51 -1.74 -3.45
N ASP A 157 2.18 -2.60 -2.70
CA ASP A 157 3.10 -3.59 -3.27
C ASP A 157 2.41 -4.86 -3.70
N GLY A 158 1.30 -5.22 -3.05
CA GLY A 158 0.66 -6.49 -3.27
C GLY A 158 -0.76 -6.49 -3.74
N VAL A 159 -1.51 -5.44 -3.52
CA VAL A 159 -2.91 -5.41 -3.88
C VAL A 159 -3.34 -4.01 -4.18
N THR A 160 -4.37 -3.89 -5.02
CA THR A 160 -5.01 -2.65 -5.36
C THR A 160 -6.49 -2.78 -5.04
N HIS A 161 -7.08 -1.79 -4.40
CA HIS A 161 -8.52 -1.77 -4.17
C HIS A 161 -9.15 -0.46 -4.61
N ASN A 162 -10.40 -0.52 -5.06
CA ASN A 162 -11.28 0.63 -5.19
C ASN A 162 -12.28 0.54 -4.03
N VAL A 163 -12.36 1.59 -3.20
CA VAL A 163 -13.20 1.60 -2.02
C VAL A 163 -14.04 2.86 -2.00
N PRO A 164 -15.31 2.75 -2.38
CA PRO A 164 -16.23 3.87 -2.21
C PRO A 164 -16.65 3.99 -0.76
N ILE A 165 -16.78 5.24 -0.29
CA ILE A 165 -16.95 5.54 1.14
C ILE A 165 -17.99 6.66 1.22
N TYR A 166 -18.97 6.49 2.10
CA TYR A 166 -20.07 7.46 2.26
C TYR A 166 -20.22 7.79 3.73
N GLU A 167 -20.10 9.07 4.02
CA GLU A 167 -20.30 9.58 5.36
C GLU A 167 -19.50 8.82 6.39
N GLY A 168 -18.26 8.49 6.00
CA GLY A 168 -17.25 7.98 6.91
C GLY A 168 -16.98 6.49 6.80
N TYR A 169 -17.83 5.76 6.07
CA TYR A 169 -17.72 4.30 6.07
C TYR A 169 -17.78 3.72 4.68
N ALA A 170 -16.97 2.69 4.46
CA ALA A 170 -16.90 2.01 3.17
C ALA A 170 -18.21 1.27 2.83
N LEU A 171 -18.50 1.17 1.54
CA LEU A 171 -19.67 0.48 1.03
C LEU A 171 -19.23 -0.88 0.51
N PRO A 172 -19.40 -1.94 1.31
CA PRO A 172 -18.66 -3.16 0.96
C PRO A 172 -19.08 -3.86 -0.32
N HIS A 173 -20.35 -3.73 -0.71
CA HIS A 173 -20.81 -4.35 -1.93
C HIS A 173 -20.15 -3.80 -3.19
N ALA A 174 -19.58 -2.58 -3.10
CA ALA A 174 -19.00 -1.89 -4.25
C ALA A 174 -17.48 -1.90 -4.23
N ILE A 175 -16.89 -2.54 -3.22
CA ILE A 175 -15.43 -2.63 -3.18
C ILE A 175 -14.93 -3.55 -4.29
N MET A 176 -13.85 -3.15 -4.95
CA MET A 176 -13.21 -3.98 -5.99
C MET A 176 -11.77 -4.24 -5.54
N ARG A 177 -11.35 -5.49 -5.65
CA ARG A 177 -9.97 -5.94 -5.40
C ARG A 177 -9.31 -6.35 -6.72
N LEU A 178 -8.09 -5.89 -6.95
CA LEU A 178 -7.25 -6.29 -8.12
C LEU A 178 -5.91 -6.80 -7.54
N ASP A 179 -5.49 -8.03 -7.86
CA ASP A 179 -4.19 -8.54 -7.41
C ASP A 179 -3.15 -8.20 -8.50
N LEU A 180 -3.01 -6.91 -8.69
CA LEU A 180 -2.02 -6.26 -9.53
C LEU A 180 -1.57 -5.05 -8.77
N ALA A 181 -0.29 -4.98 -8.45
CA ALA A 181 0.25 -3.88 -7.70
C ALA A 181 1.74 -3.77 -7.89
N GLY A 182 2.45 -3.13 -6.96
CA GLY A 182 3.79 -2.72 -7.20
C GLY A 182 4.79 -3.81 -7.45
N ARG A 183 4.66 -4.96 -6.78
CA ARG A 183 5.60 -6.06 -7.00
C ARG A 183 5.48 -6.57 -8.43
N ASP A 184 4.27 -6.64 -8.94
CA ASP A 184 4.07 -7.09 -10.32
C ASP A 184 4.69 -6.11 -11.30
N LEU A 185 4.62 -4.83 -10.99
CA LEU A 185 5.24 -3.79 -11.83
C LEU A 185 6.74 -3.88 -11.79
N THR A 186 7.34 -4.14 -10.63
CA THR A 186 8.76 -4.37 -10.52
C THR A 186 9.20 -5.55 -11.35
N ASP A 187 8.44 -6.63 -11.26
CA ASP A 187 8.77 -7.82 -12.02
C ASP A 187 8.68 -7.57 -13.53
N TYR A 188 7.66 -6.81 -13.93
CA TYR A 188 7.51 -6.49 -15.36
C TYR A 188 8.62 -5.55 -15.86
N LEU A 189 9.02 -4.58 -15.04
CA LEU A 189 10.16 -3.76 -15.42
C LEU A 189 11.43 -4.61 -15.57
N MET A 190 11.62 -5.55 -14.68
CA MET A 190 12.77 -6.48 -14.80
C MET A 190 12.73 -7.24 -16.11
N LYS A 191 11.55 -7.76 -16.48
CA LYS A 191 11.35 -8.47 -17.73
C LYS A 191 11.70 -7.58 -18.94
N ILE A 192 11.13 -6.38 -18.99
CA ILE A 192 11.34 -5.55 -20.18
C ILE A 192 12.74 -4.96 -20.25
N LEU A 193 13.39 -4.73 -19.11
CA LEU A 193 14.82 -4.37 -19.11
C LEU A 193 15.69 -5.51 -19.60
N THR A 194 15.32 -6.74 -19.21
CA THR A 194 16.03 -7.93 -19.68
C THR A 194 15.89 -8.03 -21.19
N GLU A 195 14.69 -7.78 -21.72
CA GLU A 195 14.44 -7.81 -23.15
C GLU A 195 15.26 -6.77 -23.89
N ARG A 196 15.59 -5.67 -23.24
CA ARG A 196 16.43 -4.61 -23.84
C ARG A 196 17.92 -5.02 -23.86
N GLY A 197 18.29 -5.99 -23.05
CA GLY A 197 19.62 -6.55 -23.04
C GLY A 197 20.34 -6.39 -21.72
N TYR A 198 19.67 -5.92 -20.69
CA TYR A 198 20.27 -5.87 -19.36
C TYR A 198 20.12 -7.20 -18.60
N SER A 199 20.93 -7.39 -17.57
CA SER A 199 20.88 -8.60 -16.74
C SER A 199 20.49 -8.17 -15.34
N PHE A 200 19.29 -8.53 -14.95
CA PHE A 200 18.79 -8.26 -13.62
C PHE A 200 18.23 -9.59 -13.15
N VAL A 201 19.03 -10.35 -12.43
CA VAL A 201 18.67 -11.70 -12.00
C VAL A 201 18.77 -11.86 -10.51
N THR A 202 19.89 -11.44 -9.90
CA THR A 202 20.14 -11.64 -8.49
C THR A 202 19.14 -10.87 -7.62
N THR A 203 19.14 -11.16 -6.34
CA THR A 203 18.23 -10.52 -5.40
C THR A 203 18.63 -9.06 -5.27
N ALA A 204 19.93 -8.77 -5.31
CA ALA A 204 20.43 -7.41 -5.26
C ALA A 204 19.96 -6.68 -6.52
N GLU A 205 19.92 -7.39 -7.63
CA GLU A 205 19.55 -6.79 -8.90
C GLU A 205 18.05 -6.49 -8.96
N ARG A 206 17.21 -7.34 -8.37
CA ARG A 206 15.78 -7.08 -8.25
C ARG A 206 15.51 -5.82 -7.43
N GLU A 207 16.29 -5.62 -6.37
CA GLU A 207 16.15 -4.41 -5.57
C GLU A 207 16.53 -3.19 -6.35
N ILE A 208 17.53 -3.29 -7.22
CA ILE A 208 17.93 -2.22 -8.10
C ILE A 208 16.75 -1.89 -9.03
N VAL A 209 16.10 -2.92 -9.59
CA VAL A 209 14.99 -2.64 -10.50
C VAL A 209 13.87 -1.91 -9.77
N ARG A 210 13.57 -2.26 -8.53
CA ARG A 210 12.57 -1.55 -7.78
C ARG A 210 12.94 -0.09 -7.65
N ASP A 211 14.21 0.19 -7.39
CA ASP A 211 14.63 1.60 -7.30
C ASP A 211 14.47 2.33 -8.64
N ILE A 212 14.85 1.68 -9.75
CA ILE A 212 14.65 2.29 -11.06
C ILE A 212 13.19 2.66 -11.27
N LYS A 213 12.32 1.72 -10.95
CA LYS A 213 10.89 1.96 -11.06
C LYS A 213 10.46 3.19 -10.33
N GLU A 214 10.84 3.26 -9.07
CA GLU A 214 10.44 4.37 -8.20
C GLU A 214 11.07 5.72 -8.65
N LYS A 215 12.25 5.72 -9.19
CA LYS A 215 12.93 6.94 -9.57
C LYS A 215 12.59 7.44 -10.96
N LEU A 216 12.39 6.52 -11.92
CA LEU A 216 12.32 6.91 -13.32
C LEU A 216 11.01 6.60 -14.03
N CYS A 217 10.15 5.76 -13.50
CA CYS A 217 8.92 5.45 -14.25
C CYS A 217 7.87 6.53 -14.09
N TYR A 218 7.00 6.64 -15.09
CA TYR A 218 5.89 7.56 -15.09
C TYR A 218 4.78 7.02 -15.96
N VAL A 219 3.60 7.60 -15.80
CA VAL A 219 2.42 7.21 -16.62
C VAL A 219 2.24 8.17 -17.76
N ALA A 220 2.29 7.66 -18.99
CA ALA A 220 2.04 8.46 -20.17
C ALA A 220 0.58 8.90 -20.27
N LEU A 221 0.30 10.08 -20.83
CA LEU A 221 -1.07 10.45 -21.05
C LEU A 221 -1.74 9.63 -22.13
N ASP A 222 -0.98 9.33 -23.15
CA ASP A 222 -1.41 8.47 -24.26
C ASP A 222 -0.27 7.52 -24.61
N PHE A 223 -0.48 6.22 -24.46
CA PHE A 223 0.58 5.26 -24.70
C PHE A 223 1.15 5.33 -26.08
N GLU A 224 0.33 5.27 -27.14
CA GLU A 224 0.85 5.26 -28.49
C GLU A 224 1.65 6.50 -28.81
N ASN A 225 1.13 7.66 -28.47
CA ASN A 225 1.86 8.87 -28.74
C ASN A 225 3.21 8.85 -28.07
N GLU A 226 3.25 8.40 -26.82
CA GLU A 226 4.49 8.35 -26.08
C GLU A 226 5.47 7.36 -26.67
N MET A 227 4.97 6.21 -27.11
CA MET A 227 5.82 5.24 -27.79
C MET A 227 6.40 5.82 -29.03
N ALA A 228 5.64 6.63 -29.77
CA ALA A 228 6.17 7.26 -30.99
C ALA A 228 7.23 8.29 -30.67
N THR A 229 7.03 9.07 -29.62
CA THR A 229 8.10 9.99 -29.19
C THR A 229 9.37 9.22 -28.84
N ALA A 230 9.22 8.16 -28.08
CA ALA A 230 10.38 7.37 -27.68
C ALA A 230 11.09 6.69 -28.83
N ALA A 231 10.36 6.34 -29.88
CA ALA A 231 10.96 5.67 -31.03
C ALA A 231 11.75 6.60 -31.88
N SER A 232 11.49 7.91 -31.88
CA SER A 232 11.99 8.85 -32.87
C SER A 232 12.85 9.94 -32.24
N SER A 233 13.03 9.86 -30.92
CA SER A 233 13.76 10.89 -30.22
C SER A 233 14.37 10.30 -28.93
N SER A 234 15.36 11.06 -28.39
CA SER A 234 15.95 10.73 -27.09
C SER A 234 15.29 11.50 -25.96
N SER A 235 14.24 12.25 -26.20
CA SER A 235 13.73 13.17 -25.22
C SER A 235 13.17 12.55 -23.98
N LEU A 236 12.80 11.26 -24.01
CA LEU A 236 12.30 10.59 -22.86
C LEU A 236 13.30 9.68 -22.19
N GLU A 237 14.52 9.62 -22.68
CA GLU A 237 15.55 8.76 -22.10
C GLU A 237 16.13 9.32 -20.83
N LYS A 238 16.38 8.41 -19.86
CA LYS A 238 17.16 8.73 -18.67
C LYS A 238 18.26 7.70 -18.42
N SER A 239 19.36 8.19 -17.87
CA SER A 239 20.47 7.32 -17.51
C SER A 239 20.25 7.00 -16.00
N TYR A 240 20.52 5.78 -15.58
CA TYR A 240 20.36 5.40 -14.17
C TYR A 240 21.67 4.78 -13.77
N GLU A 241 22.23 5.28 -12.67
CA GLU A 241 23.50 4.81 -12.13
C GLU A 241 23.25 3.73 -11.08
N LEU A 242 23.75 2.52 -11.37
CA LEU A 242 23.72 1.40 -10.44
C LEU A 242 24.73 1.63 -9.32
N PRO A 243 24.51 0.97 -8.15
CA PRO A 243 25.44 1.13 -7.01
C PRO A 243 26.92 0.92 -7.35
N ASP A 244 27.22 0.00 -8.25
CA ASP A 244 28.59 -0.30 -8.61
C ASP A 244 29.20 0.58 -9.71
N GLY A 245 28.44 1.59 -10.14
CA GLY A 245 28.93 2.49 -11.18
C GLY A 245 28.51 2.18 -12.61
N GLN A 246 27.86 1.05 -12.85
CA GLN A 246 27.39 0.73 -14.20
C GLN A 246 26.25 1.69 -14.54
N VAL A 247 26.06 1.99 -15.83
CA VAL A 247 24.99 2.91 -16.27
C VAL A 247 24.16 2.27 -17.32
N ILE A 248 22.85 2.42 -17.14
CA ILE A 248 21.89 1.92 -18.10
C ILE A 248 20.98 3.05 -18.55
N THR A 249 20.50 2.91 -19.78
CA THR A 249 19.55 3.84 -20.36
C THR A 249 18.18 3.22 -20.28
N ILE A 250 17.27 4.01 -19.71
CA ILE A 250 15.84 3.66 -19.67
C ILE A 250 15.13 4.66 -20.59
N GLY A 251 14.40 4.15 -21.59
CA GLY A 251 13.60 4.95 -22.45
C GLY A 251 12.12 4.60 -22.25
N ASN A 252 11.52 3.94 -23.24
CA ASN A 252 10.12 3.63 -23.17
C ASN A 252 9.73 2.69 -22.02
N GLU A 253 10.69 1.99 -21.45
CA GLU A 253 10.40 1.19 -20.23
C GLU A 253 9.87 2.06 -19.12
N ARG A 254 10.28 3.33 -19.11
CA ARG A 254 9.80 4.22 -18.06
C ARG A 254 8.30 4.27 -17.95
N PHE A 255 7.58 4.34 -19.07
CA PHE A 255 6.12 4.40 -19.05
C PHE A 255 5.46 3.08 -19.43
N ARG A 256 6.17 2.18 -20.10
CA ARG A 256 5.59 0.85 -20.36
C ARG A 256 5.30 0.13 -19.09
N CYS A 257 6.13 0.28 -18.06
CA CYS A 257 5.95 -0.43 -16.81
C CYS A 257 4.60 -0.12 -16.16
N PRO A 258 4.35 1.14 -15.79
CA PRO A 258 3.04 1.43 -15.15
C PRO A 258 1.83 1.46 -16.06
N GLU A 259 2.03 1.43 -17.36
CA GLU A 259 0.92 1.30 -18.29
C GLU A 259 0.09 0.05 -17.94
N THR A 260 0.74 -0.95 -17.38
CA THR A 260 0.08 -2.17 -16.97
C THR A 260 -1.09 -1.94 -16.04
N LEU A 261 -1.04 -0.90 -15.22
CA LEU A 261 -2.19 -0.57 -14.34
C LEU A 261 -3.45 -0.30 -15.14
N PHE A 262 -3.31 0.34 -16.30
CA PHE A 262 -4.42 0.66 -17.18
C PHE A 262 -4.72 -0.43 -18.16
N GLN A 263 -3.73 -1.24 -18.49
CA GLN A 263 -3.87 -2.36 -19.42
C GLN A 263 -3.16 -3.61 -18.87
N PRO A 264 -3.85 -4.34 -17.98
CA PRO A 264 -3.20 -5.48 -17.34
C PRO A 264 -2.82 -6.61 -18.27
N SER A 265 -3.28 -6.56 -19.51
CA SER A 265 -2.92 -7.57 -20.49
C SER A 265 -1.43 -7.57 -20.80
N PHE A 266 -0.72 -6.48 -20.53
CA PHE A 266 0.72 -6.47 -20.69
C PHE A 266 1.43 -7.52 -19.90
N ILE A 267 0.86 -7.95 -18.77
CA ILE A 267 1.42 -9.07 -17.97
C ILE A 267 0.53 -10.31 -18.02
N GLY A 268 -0.35 -10.42 -18.98
CA GLY A 268 -1.14 -11.63 -19.16
C GLY A 268 -2.35 -11.68 -18.31
N MET A 269 -2.73 -10.62 -17.64
CA MET A 269 -3.94 -10.62 -16.81
C MET A 269 -5.07 -10.12 -17.65
N GLU A 270 -6.24 -10.75 -17.55
CA GLU A 270 -7.42 -10.36 -18.31
C GLU A 270 -8.27 -9.27 -17.61
N SER A 271 -7.89 -8.86 -16.42
CA SER A 271 -8.64 -7.94 -15.59
C SER A 271 -8.82 -6.60 -16.26
N ALA A 272 -9.86 -5.89 -15.86
CA ALA A 272 -9.98 -4.48 -16.11
C ALA A 272 -8.84 -3.71 -15.50
N GLY A 273 -8.51 -2.60 -16.12
CA GLY A 273 -7.55 -1.64 -15.60
C GLY A 273 -8.11 -0.76 -14.48
N ILE A 274 -7.27 -0.01 -13.85
CA ILE A 274 -7.68 0.76 -12.67
C ILE A 274 -8.69 1.84 -12.96
N HIS A 275 -8.73 2.35 -14.16
CA HIS A 275 -9.78 3.36 -14.49
C HIS A 275 -11.12 2.66 -14.58
N GLU A 276 -11.14 1.47 -15.16
CA GLU A 276 -12.35 0.68 -15.35
C GLU A 276 -12.84 0.15 -14.03
N THR A 277 -11.98 -0.32 -13.15
CA THR A 277 -12.43 -0.78 -11.84
C THR A 277 -13.00 0.39 -11.00
N THR A 278 -12.42 1.58 -11.17
CA THR A 278 -12.92 2.76 -10.47
C THR A 278 -14.32 3.05 -10.93
N TYR A 279 -14.51 3.10 -12.23
CA TYR A 279 -15.85 3.31 -12.82
C TYR A 279 -16.84 2.25 -12.39
N ASN A 280 -16.43 0.99 -12.49
CA ASN A 280 -17.30 -0.10 -12.10
C ASN A 280 -17.70 -0.01 -10.65
N SER A 281 -16.80 0.44 -9.77
CA SER A 281 -17.12 0.56 -8.34
C SER A 281 -18.15 1.65 -8.10
N ILE A 282 -17.95 2.80 -8.76
CA ILE A 282 -18.91 3.92 -8.66
C ILE A 282 -20.28 3.44 -9.14
N MET A 283 -20.32 2.67 -10.22
CA MET A 283 -21.58 2.21 -10.78
C MET A 283 -22.33 1.20 -9.93
N LYS A 284 -21.64 0.59 -8.96
CA LYS A 284 -22.31 -0.30 -8.00
C LYS A 284 -22.94 0.45 -6.87
N CYS A 285 -22.67 1.76 -6.78
CA CYS A 285 -23.25 2.57 -5.70
C CYS A 285 -24.53 3.22 -6.14
N ASP A 286 -25.34 3.57 -5.16
CA ASP A 286 -26.60 4.27 -5.42
C ASP A 286 -26.30 5.47 -6.31
N ILE A 287 -27.15 5.69 -7.33
CA ILE A 287 -26.93 6.77 -8.31
C ILE A 287 -26.80 8.13 -7.64
N ASP A 288 -27.48 8.30 -6.51
CA ASP A 288 -27.50 9.57 -5.81
C ASP A 288 -26.19 9.94 -5.06
N ILE A 289 -25.26 9.00 -4.93
CA ILE A 289 -23.98 9.35 -4.35
C ILE A 289 -22.87 9.38 -5.39
N ARG A 290 -23.17 8.99 -6.63
CA ARG A 290 -22.11 8.91 -7.65
C ARG A 290 -21.45 10.25 -7.97
N LYS A 291 -22.23 11.32 -8.02
CA LYS A 291 -21.66 12.64 -8.25
C LYS A 291 -20.57 12.94 -7.26
N ASP A 292 -20.80 12.65 -6.00
CA ASP A 292 -19.80 12.97 -4.99
C ASP A 292 -18.59 12.04 -5.06
N LEU A 293 -18.80 10.82 -5.50
CA LEU A 293 -17.67 9.91 -5.67
C LEU A 293 -16.80 10.38 -6.82
N TYR A 294 -17.42 10.71 -7.96
CA TYR A 294 -16.67 11.20 -9.11
C TYR A 294 -15.82 12.45 -8.84
N ALA A 295 -16.32 13.31 -7.97
CA ALA A 295 -15.63 14.55 -7.60
C ALA A 295 -14.65 14.38 -6.48
N ASN A 296 -14.49 13.14 -5.99
CA ASN A 296 -13.61 12.90 -4.85
C ASN A 296 -12.91 11.55 -4.99
N ASN A 297 -12.22 11.36 -6.07
CA ASN A 297 -11.39 10.16 -6.28
C ASN A 297 -10.01 10.40 -5.68
N VAL A 298 -9.71 9.77 -4.54
CA VAL A 298 -8.46 9.96 -3.83
C VAL A 298 -7.52 8.80 -4.08
N MET A 299 -6.32 9.10 -4.52
CA MET A 299 -5.28 8.12 -4.71
C MET A 299 -4.43 7.95 -3.46
N SER A 300 -4.19 6.68 -3.14
CA SER A 300 -3.43 6.29 -1.97
C SER A 300 -2.43 5.18 -2.33
N GLY A 301 -1.27 5.15 -1.68
CA GLY A 301 -0.36 4.03 -1.76
C GLY A 301 0.80 4.31 -2.68
N GLY A 302 1.87 3.58 -2.48
CA GLY A 302 3.08 3.80 -3.24
C GLY A 302 2.95 3.61 -4.72
N THR A 303 2.09 2.67 -5.15
CA THR A 303 1.90 2.42 -6.58
C THR A 303 1.09 3.48 -7.28
N THR A 304 0.53 4.41 -6.52
CA THR A 304 -0.06 5.61 -7.14
C THR A 304 0.89 6.78 -7.26
N MET A 305 2.17 6.59 -6.94
CA MET A 305 3.10 7.70 -6.91
C MET A 305 3.65 8.10 -8.29
N TYR A 306 3.42 7.31 -9.33
CA TYR A 306 3.96 7.64 -10.66
C TYR A 306 3.55 9.03 -11.10
N PRO A 307 4.53 9.88 -11.52
CA PRO A 307 4.18 11.10 -12.20
C PRO A 307 3.24 10.82 -13.35
N GLY A 308 2.26 11.65 -13.56
CA GLY A 308 1.32 11.52 -14.64
C GLY A 308 0.07 10.70 -14.36
N ILE A 309 0.04 9.98 -13.24
CA ILE A 309 -1.07 9.06 -13.01
C ILE A 309 -2.39 9.80 -12.80
N ALA A 310 -2.38 10.92 -12.10
CA ALA A 310 -3.60 11.68 -11.91
C ALA A 310 -4.20 12.18 -13.19
N ASP A 311 -3.36 12.73 -14.05
CA ASP A 311 -3.84 13.23 -15.30
C ASP A 311 -4.39 12.10 -16.19
N ARG A 312 -3.72 10.97 -16.18
CA ARG A 312 -4.20 9.85 -16.95
C ARG A 312 -5.53 9.33 -16.42
N MET A 313 -5.65 9.19 -15.10
CA MET A 313 -6.93 8.83 -14.49
C MET A 313 -8.06 9.79 -14.85
N GLN A 314 -7.73 11.07 -14.83
CA GLN A 314 -8.70 12.08 -15.19
C GLN A 314 -9.20 11.85 -16.61
N LYS A 315 -8.27 11.63 -17.53
CA LYS A 315 -8.63 11.41 -18.93
C LYS A 315 -9.50 10.16 -19.04
N GLU A 316 -9.09 9.07 -18.39
CA GLU A 316 -9.76 7.83 -18.60
C GLU A 316 -11.15 7.80 -17.94
N ILE A 317 -11.27 8.35 -16.75
CA ILE A 317 -12.58 8.41 -16.11
C ILE A 317 -13.51 9.34 -16.87
N THR A 318 -12.98 10.44 -17.36
CA THR A 318 -13.82 11.33 -18.17
C THR A 318 -14.38 10.57 -19.37
N ALA A 319 -13.60 9.72 -20.01
CA ALA A 319 -14.08 8.98 -21.17
C ALA A 319 -15.17 7.98 -20.83
N LEU A 320 -15.18 7.47 -19.61
CA LEU A 320 -16.19 6.49 -19.18
C LEU A 320 -17.47 7.14 -18.60
N ALA A 321 -17.34 8.32 -18.00
CA ALA A 321 -18.40 8.93 -17.19
C ALA A 321 -19.31 9.77 -18.06
N PRO A 322 -20.50 10.14 -17.55
CA PRO A 322 -21.37 11.03 -18.34
C PRO A 322 -20.68 12.31 -18.69
N SER A 323 -21.04 12.90 -19.83
CA SER A 323 -20.33 14.07 -20.36
C SER A 323 -20.42 15.31 -19.47
N THR A 324 -21.44 15.41 -18.63
CA THR A 324 -21.55 16.57 -17.74
C THR A 324 -21.04 16.34 -16.31
N MET A 325 -20.42 15.19 -16.07
CA MET A 325 -19.99 14.86 -14.73
C MET A 325 -18.70 15.60 -14.39
N LYS A 326 -18.63 16.19 -13.21
CA LYS A 326 -17.39 16.78 -12.68
C LYS A 326 -16.54 15.67 -12.09
N ILE A 327 -15.35 15.50 -12.66
CA ILE A 327 -14.42 14.47 -12.23
C ILE A 327 -13.26 15.14 -11.53
N LYS A 328 -12.90 14.69 -10.34
CA LYS A 328 -11.74 15.23 -9.67
C LYS A 328 -10.90 14.13 -9.07
N ILE A 329 -9.61 14.13 -9.44
CA ILE A 329 -8.65 13.17 -8.95
C ILE A 329 -7.76 13.92 -7.95
N ILE A 330 -7.70 13.44 -6.73
CA ILE A 330 -6.86 14.01 -5.69
C ILE A 330 -5.70 13.06 -5.42
N ALA A 331 -4.49 13.56 -5.53
CA ALA A 331 -3.26 12.77 -5.39
C ALA A 331 -2.31 13.47 -4.42
N PRO A 332 -2.52 13.28 -3.12
CA PRO A 332 -1.68 14.01 -2.15
C PRO A 332 -0.18 13.67 -2.31
N PRO A 333 0.71 14.65 -2.17
CA PRO A 333 2.12 14.34 -2.34
C PRO A 333 2.65 13.31 -1.35
N GLU A 334 2.00 13.25 -0.20
CA GLU A 334 2.41 12.36 0.90
C GLU A 334 1.78 10.96 0.81
N ARG A 335 1.25 10.61 -0.36
CA ARG A 335 0.32 9.49 -0.44
C ARG A 335 0.96 8.12 -0.29
N LYS A 336 2.28 7.99 -0.25
CA LYS A 336 2.92 6.74 0.20
C LYS A 336 2.53 6.46 1.62
N TYR A 337 2.16 7.50 2.36
CA TYR A 337 1.94 7.38 3.80
C TYR A 337 0.53 7.82 4.24
N SER A 338 -0.38 7.96 3.28
CA SER A 338 -1.76 8.41 3.59
C SER A 338 -2.50 7.52 4.58
N VAL A 339 -2.36 6.22 4.43
CA VAL A 339 -3.03 5.32 5.37
C VAL A 339 -2.51 5.63 6.78
N TRP A 340 -1.19 5.69 6.93
CA TRP A 340 -0.59 5.91 8.24
C TRP A 340 -1.02 7.26 8.82
N ILE A 341 -1.01 8.29 7.98
CA ILE A 341 -1.32 9.66 8.42
C ILE A 341 -2.78 9.68 8.88
N GLY A 342 -3.67 9.00 8.13
CA GLY A 342 -5.08 8.94 8.53
C GLY A 342 -5.24 8.27 9.89
N GLY A 343 -4.50 7.20 10.11
CA GLY A 343 -4.47 6.54 11.40
C GLY A 343 -3.99 7.45 12.53
N SER A 344 -2.96 8.24 12.25
CA SER A 344 -2.39 9.17 13.24
C SER A 344 -3.40 10.25 13.61
N ILE A 345 -4.04 10.83 12.59
CA ILE A 345 -5.08 11.86 12.79
C ILE A 345 -6.23 11.28 13.60
N LEU A 346 -6.73 10.11 13.18
CA LEU A 346 -7.83 9.45 13.90
C LEU A 346 -7.50 9.14 15.37
N ALA A 347 -6.34 8.54 15.63
CA ALA A 347 -5.92 8.11 16.98
C ALA A 347 -5.75 9.25 17.96
N SER A 348 -5.58 10.46 17.42
CA SER A 348 -5.44 11.67 18.23
C SER A 348 -6.75 12.38 18.59
N LEU A 349 -7.83 12.08 17.88
CA LEU A 349 -9.08 12.85 18.07
C LEU A 349 -9.63 12.62 19.45
N SER A 350 -10.09 13.69 20.12
CA SER A 350 -10.70 13.55 21.44
C SER A 350 -11.90 12.62 21.40
N THR A 351 -12.70 12.73 20.35
CA THR A 351 -13.88 11.90 20.18
C THR A 351 -13.60 10.42 19.82
N PHE A 352 -12.34 10.11 19.50
CA PHE A 352 -11.91 8.73 19.28
C PHE A 352 -11.52 8.00 20.54
N GLN A 353 -11.24 8.70 21.62
CA GLN A 353 -10.60 8.06 22.77
C GLN A 353 -11.52 7.00 23.40
N GLN A 354 -12.84 7.23 23.33
CA GLN A 354 -13.81 6.23 23.74
C GLN A 354 -13.83 4.98 22.89
N MET A 355 -13.28 5.06 21.69
CA MET A 355 -13.39 3.96 20.72
C MET A 355 -12.31 2.90 20.83
N TRP A 356 -11.19 3.20 21.50
CA TRP A 356 -10.19 2.19 21.78
C TRP A 356 -10.82 0.99 22.48
N ILE A 357 -10.42 -0.21 22.09
CA ILE A 357 -10.74 -1.44 22.81
C ILE A 357 -9.70 -1.54 23.91
N THR A 358 -10.12 -1.51 25.18
CA THR A 358 -9.18 -1.64 26.31
C THR A 358 -8.92 -3.10 26.68
N LYS A 359 -7.80 -3.35 27.33
CA LYS A 359 -7.45 -4.68 27.82
C LYS A 359 -8.59 -5.26 28.68
N GLN A 360 -9.25 -4.41 29.46
CA GLN A 360 -10.32 -4.86 30.35
C GLN A 360 -11.58 -5.26 29.56
N GLU A 361 -11.87 -4.54 28.49
CA GLU A 361 -13.01 -4.89 27.61
C GLU A 361 -12.80 -6.23 26.86
N TYR A 362 -11.55 -6.46 26.42
CA TYR A 362 -11.15 -7.73 25.80
C TYR A 362 -11.35 -8.92 26.76
N ASP A 363 -11.04 -8.69 28.02
CA ASP A 363 -11.17 -9.76 29.03
C ASP A 363 -12.61 -10.24 29.24
N GLU A 364 -13.57 -9.34 29.06
CA GLU A 364 -14.98 -9.66 29.28
C GLU A 364 -15.62 -10.30 28.04
N ALA A 365 -15.30 -9.76 26.86
CA ALA A 365 -16.01 -10.14 25.63
C ALA A 365 -15.29 -11.14 24.72
N GLY A 366 -13.97 -11.23 24.81
CA GLY A 366 -13.19 -12.02 23.85
C GLY A 366 -12.91 -11.28 22.53
N PRO A 367 -12.27 -11.98 21.57
CA PRO A 367 -11.84 -11.37 20.30
C PRO A 367 -12.88 -10.59 19.51
N SER A 368 -14.12 -11.07 19.45
CA SER A 368 -15.13 -10.49 18.55
C SER A 368 -15.55 -9.07 18.93
N ILE A 369 -15.17 -8.63 20.12
CA ILE A 369 -15.35 -7.23 20.54
C ILE A 369 -14.81 -6.22 19.50
N VAL A 370 -13.74 -6.60 18.81
CA VAL A 370 -13.11 -5.73 17.81
C VAL A 370 -14.06 -5.40 16.66
N HIS A 371 -15.11 -6.20 16.48
CA HIS A 371 -16.15 -5.91 15.48
C HIS A 371 -17.09 -4.82 15.96
CA CA B . -1.10 -0.75 2.21
CA CA C . -4.58 4.14 -28.10
CA CA D . -6.97 -6.13 -21.32
CA CA E . -31.24 6.51 -4.75
PG ATP F . -0.26 -3.31 -0.05
O1G ATP F . -0.31 -3.73 -1.52
O2G ATP F . -0.49 -4.41 0.97
O3G ATP F . -1.06 -2.07 0.26
PB ATP F . 2.11 -1.82 1.02
O1B ATP F . 1.17 -1.22 1.98
O2B ATP F . 3.36 -2.43 1.50
O3B ATP F . 1.36 -2.93 0.12
PA ATP F . 2.80 0.78 -0.03
O1A ATP F . 1.60 1.62 -0.18
O2A ATP F . 3.68 0.95 1.19
O3A ATP F . 2.42 -0.74 -0.16
O5' ATP F . 3.68 0.97 -1.38
C5' ATP F . 4.90 0.21 -1.62
C4' ATP F . 4.94 0.04 -3.12
O4' ATP F . 4.96 1.33 -3.73
C3' ATP F . 6.16 -0.70 -3.64
O3' ATP F . 5.79 -1.57 -4.73
C2' ATP F . 7.06 0.40 -4.11
O2' ATP F . 8.03 -0.01 -5.06
C1' ATP F . 6.02 1.35 -4.67
N9 ATP F . 6.49 2.72 -4.82
C8 ATP F . 6.97 3.52 -3.84
N7 ATP F . 7.32 4.71 -4.31
C5 ATP F . 7.06 4.69 -5.65
C6 ATP F . 7.22 5.62 -6.72
N6 ATP F . 7.74 6.82 -6.48
N1 ATP F . 6.88 5.23 -7.94
C2 ATP F . 6.35 4.00 -8.15
N3 ATP F . 6.17 3.04 -7.21
C4 ATP F . 6.52 3.39 -5.96
O5 BID G . -12.48 3.16 11.90
C18 BID G . -12.89 3.94 11.05
C16 BID G . -12.53 3.70 9.61
C17 BID G . -11.00 3.89 9.45
C15 BID G . -13.03 2.34 9.10
O4 BID G . -12.27 1.29 9.70
C14 BID G . -14.53 2.19 9.38
N1 BID G . -15.08 0.95 8.82
C13 BID G . -15.64 0.85 7.63
O3 BID G . -15.69 1.83 6.88
C12 BID G . -16.17 -0.50 7.20
C11 BID G . -17.65 -0.43 6.84
C9 BID G . -18.20 -1.78 6.38
C10 BID G . -17.38 -2.38 5.25
C8 BID G . -18.30 -2.76 7.55
C7 BID G . -19.15 -2.16 8.65
O2 BID G . -18.40 0.06 7.96
C6 BID G . -18.61 -0.80 9.08
C5 BID G . -19.65 -0.15 10.00
C4 BID G . -19.04 0.86 10.95
O1 BID G . -17.86 0.77 11.25
C3 BID G . -19.83 1.96 11.55
C2 BID G . -21.13 2.15 11.29
C1 BID G . -21.87 3.29 11.93
N2 BID G . -13.65 4.98 11.32
C19 BID G . -14.08 5.36 12.66
C20 BID G . -14.40 6.85 12.65
C21 BID G . -14.72 7.37 14.06
C22 BID G . -14.99 8.86 14.00
C23 BID G . -15.23 9.50 15.37
C24 BID G . -14.01 9.37 16.28
C25 BID G . -15.67 10.95 15.15
C26 BID G . -16.86 11.02 14.20
C27 BID G . -16.56 10.32 12.88
O6 BID G . -16.16 8.99 13.23
C28 BID G . -17.79 10.18 12.00
C29 BID G . -17.47 9.54 10.64
C30 BID G . -16.37 10.36 9.98
C31 BID G . -15.17 10.41 10.92
O7 BID G . -15.55 11.04 12.17
C32 BID G . -14.07 11.22 10.31
C33 BID G . -12.75 11.11 11.08
C34 BID G . -11.57 11.80 10.40
C35 BID G . -10.23 11.52 11.07
C36 BID G . -11.81 13.30 10.36
C37 BID G . -11.98 14.03 9.24
C38 BID G . -11.91 13.45 7.84
C39 BID G . -12.22 15.51 9.33
C40 BID G . -13.63 15.84 8.87
O8 BID G . -11.27 16.19 8.51
#